data_2WAJ
#
_entry.id   2WAJ
#
_cell.length_a   51.659
_cell.length_b   71.339
_cell.length_c   107.541
_cell.angle_alpha   90.00
_cell.angle_beta   90.00
_cell.angle_gamma   90.00
#
_symmetry.space_group_name_H-M   'P 21 21 21'
#
loop_
_entity.id
_entity.type
_entity.pdbx_description
1 polymer 'MITOGEN-ACTIVATED PROTEIN KINASE 10'
2 non-polymer 1-(3-BROMOPHENYL)-7-CHLORO-6-METHOXY-3,4-DIHYDROISOQUINOLINE
3 water water
#
_entity_poly.entity_id   1
_entity_poly.type   'polypeptide(L)'
_entity_poly.pdbx_seq_one_letter_code
;MSKSKVDNQFYSVEVGDSTFTVLKRYQNLKPIGSGAQGIVCAAYDAVLDRNVAIKKLSRPFQNQTHAKRAYRELVLMKCV
NHKNIISLLNVFTPQKTLEEFQDVYLVMELMDANLCQVIQMELDHERMSYLLYQMLCGIKHLHSAGIIHRDLKPSNIVVK
SDCTLKILDFGLARTAGTSFMMTPYVVTRYYRAPEVILGMGYKENVDIWSVGCIMGEMVRHKILFPGRDYIDQWNKVIEQ
LGTPCPEFMKKLQPTVRNYVENRPKYAGLTFPKLFPDSLFPADSEHNKLKASQARDLLSKMLVIDPAKRISVDDALQHPY
INVWYDPAEVEAPPPQIYDKQLDEREHTIEEWKELIYKEVMNSE
;
_entity_poly.pdbx_strand_id   A
#
loop_
_chem_comp.id
_chem_comp.type
_chem_comp.name
_chem_comp.formula
SNB non-polymer 1-(3-BROMOPHENYL)-7-CHLORO-6-METHOXY-3,4-DIHYDROISOQUINOLINE 'C16 H13 Br Cl N O'
#
# COMPACT_ATOMS: atom_id res chain seq x y z
N ASN A 8 13.60 15.43 -31.97
CA ASN A 8 12.82 14.48 -31.15
C ASN A 8 12.91 14.86 -29.67
N GLN A 9 11.78 14.90 -28.98
CA GLN A 9 11.83 15.29 -27.58
C GLN A 9 12.24 14.16 -26.62
N PHE A 10 12.48 12.98 -27.16
CA PHE A 10 12.80 11.77 -26.39
C PHE A 10 14.19 11.25 -26.69
N TYR A 11 14.70 10.42 -25.79
CA TYR A 11 15.91 9.65 -26.01
C TYR A 11 15.81 8.35 -25.23
N SER A 12 16.57 7.35 -25.65
CA SER A 12 16.47 6.02 -25.05
C SER A 12 17.74 5.64 -24.32
N VAL A 13 17.57 4.91 -23.22
CA VAL A 13 18.74 4.36 -22.53
C VAL A 13 18.41 3.00 -21.89
N GLU A 14 19.40 2.09 -21.93
CA GLU A 14 19.29 0.80 -21.27
C GLU A 14 19.50 0.93 -19.77
N VAL A 15 18.47 0.60 -19.00
CA VAL A 15 18.52 0.66 -17.54
C VAL A 15 18.21 -0.73 -17.01
N GLY A 16 19.26 -1.46 -16.65
CA GLY A 16 19.22 -2.91 -16.47
C GLY A 16 19.04 -3.59 -17.82
N ASP A 17 18.13 -4.54 -17.87
CA ASP A 17 17.70 -5.11 -19.15
C ASP A 17 16.33 -4.52 -19.52
N SER A 18 16.19 -3.21 -19.30
CA SER A 18 15.05 -2.43 -19.77
C SER A 18 15.52 -1.23 -20.58
N THR A 19 14.85 -0.97 -21.69
CA THR A 19 15.01 0.30 -22.40
C THR A 19 14.07 1.34 -21.77
N PHE A 20 14.62 2.49 -21.42
CA PHE A 20 13.82 3.63 -20.96
C PHE A 20 13.86 4.74 -22.02
N THR A 21 12.72 5.03 -22.65
CA THR A 21 12.65 6.09 -23.64
C THR A 21 11.92 7.26 -23.02
N VAL A 22 12.67 8.29 -22.67
CA VAL A 22 12.09 9.36 -21.87
C VAL A 22 12.34 10.74 -22.45
N LEU A 23 11.60 11.71 -21.93
CA LEU A 23 11.78 13.11 -22.31
C LEU A 23 13.17 13.57 -21.93
N LYS A 24 13.79 14.37 -22.80
CA LYS A 24 15.16 14.82 -22.60
C LYS A 24 15.46 15.57 -21.28
N ARG A 25 14.43 16.11 -20.63
CA ARG A 25 14.56 16.77 -19.34
C ARG A 25 15.07 15.83 -18.24
N TYR A 26 14.74 14.55 -18.36
CA TYR A 26 15.15 13.57 -17.34
C TYR A 26 16.52 13.00 -17.70
N GLN A 27 17.48 13.20 -16.81
CA GLN A 27 18.88 12.82 -17.06
C GLN A 27 19.35 11.88 -15.97
N ASN A 28 20.39 11.10 -16.25
CA ASN A 28 21.10 10.33 -15.22
C ASN A 28 20.21 9.25 -14.53
N LEU A 29 19.59 8.40 -15.34
CA LEU A 29 18.69 7.35 -14.84
C LEU A 29 19.45 6.24 -14.11
N LYS A 30 19.20 6.12 -12.81
CA LYS A 30 19.75 5.03 -12.02
C LYS A 30 18.58 4.12 -11.64
N PRO A 31 18.73 2.79 -11.82
CA PRO A 31 17.58 1.96 -11.49
C PRO A 31 17.37 1.87 -9.97
N ILE A 32 16.11 1.84 -9.55
CA ILE A 32 15.79 1.71 -8.13
C ILE A 32 14.73 0.62 -7.85
N GLY A 33 13.96 0.25 -8.88
CA GLY A 33 12.82 -0.66 -8.70
C GLY A 33 12.64 -1.67 -9.82
N SER A 34 12.04 -2.82 -9.47
CA SER A 34 11.79 -3.94 -10.40
C SER A 34 10.69 -4.89 -9.92
N GLY A 35 9.89 -5.40 -10.86
CA GLY A 35 8.81 -6.35 -10.57
C GLY A 35 7.50 -6.00 -11.28
N GLY A 38 5.74 -2.19 -14.02
CA GLY A 38 6.73 -1.20 -13.55
C GLY A 38 8.17 -1.57 -13.14
N ILE A 39 9.12 -1.03 -13.93
CA ILE A 39 10.53 -0.95 -13.57
C ILE A 39 10.66 0.49 -13.12
N VAL A 40 11.49 0.76 -12.12
CA VAL A 40 11.55 2.14 -11.61
C VAL A 40 13.00 2.70 -11.57
N CYS A 41 13.17 3.93 -12.04
N CYS A 41 13.19 3.93 -12.02
CA CYS A 41 14.46 4.63 -12.01
CA CYS A 41 14.52 4.54 -11.98
C CYS A 41 14.46 5.90 -11.17
C CYS A 41 14.52 5.93 -11.33
N ALA A 42 15.65 6.28 -10.71
CA ALA A 42 15.88 7.62 -10.20
C ALA A 42 16.43 8.40 -11.38
N ALA A 43 15.97 9.65 -11.54
CA ALA A 43 16.51 10.58 -12.51
C ALA A 43 16.53 12.03 -11.98
N TYR A 44 17.24 12.88 -12.71
CA TYR A 44 17.23 14.30 -12.45
C TYR A 44 16.43 15.00 -13.54
N ASP A 45 15.52 15.86 -13.10
CA ASP A 45 14.68 16.62 -14.00
C ASP A 45 15.29 18.01 -14.16
N ALA A 46 15.80 18.30 -15.36
CA ALA A 46 16.44 19.57 -15.64
C ALA A 46 15.47 20.74 -15.62
N VAL A 47 14.20 20.45 -15.90
CA VAL A 47 13.21 21.54 -16.01
C VAL A 47 12.82 21.99 -14.61
N LEU A 48 12.65 21.03 -13.71
CA LEU A 48 12.21 21.33 -12.38
C LEU A 48 13.38 21.44 -11.41
N ASP A 49 14.60 21.22 -11.93
CA ASP A 49 15.81 21.27 -11.13
C ASP A 49 15.64 20.46 -9.86
N ARG A 50 15.18 19.22 -10.00
N ARG A 50 15.27 19.19 -10.03
CA ARG A 50 15.06 18.30 -8.88
CA ARG A 50 14.83 18.32 -8.95
C ARG A 50 14.97 16.85 -9.31
C ARG A 50 15.00 16.84 -9.34
N ASN A 51 15.17 15.98 -8.34
CA ASN A 51 15.15 14.54 -8.56
C ASN A 51 13.74 13.95 -8.53
N VAL A 52 13.56 12.90 -9.35
CA VAL A 52 12.27 12.29 -9.63
C VAL A 52 12.42 10.78 -9.74
N ALA A 53 11.34 10.05 -9.45
CA ALA A 53 11.25 8.63 -9.80
C ALA A 53 10.48 8.49 -11.11
N ILE A 54 10.99 7.65 -12.01
CA ILE A 54 10.33 7.32 -13.30
C ILE A 54 10.00 5.86 -13.36
N LYS A 55 8.74 5.58 -13.55
CA LYS A 55 8.26 4.21 -13.70
C LYS A 55 7.62 3.98 -15.08
N LYS A 56 8.08 2.89 -15.70
CA LYS A 56 7.68 2.45 -17.03
C LYS A 56 6.70 1.31 -16.92
N LEU A 57 5.51 1.51 -17.45
CA LEU A 57 4.54 0.45 -17.63
C LEU A 57 4.66 -0.06 -19.06
N SER A 58 5.09 -1.31 -19.23
CA SER A 58 5.19 -1.90 -20.57
C SER A 58 3.89 -2.58 -21.01
N ARG A 59 3.39 -2.21 -22.19
CA ARG A 59 2.11 -2.75 -22.70
C ARG A 59 1.08 -2.98 -21.57
N PRO A 60 0.74 -1.92 -20.80
CA PRO A 60 -0.15 -2.14 -19.65
C PRO A 60 -1.57 -2.64 -20.04
N PHE A 61 -1.90 -2.52 -21.33
CA PHE A 61 -3.12 -3.08 -21.91
C PHE A 61 -2.98 -4.56 -22.23
N GLN A 62 -1.84 -5.16 -21.91
CA GLN A 62 -1.55 -6.54 -22.34
C GLN A 62 -2.56 -7.56 -21.81
N ASN A 63 -2.97 -7.43 -20.56
CA ASN A 63 -4.10 -8.19 -20.05
C ASN A 63 -5.03 -7.37 -19.14
N GLN A 64 -6.14 -7.97 -18.74
CA GLN A 64 -7.13 -7.34 -17.88
C GLN A 64 -6.57 -6.88 -16.55
N THR A 65 -5.75 -7.71 -15.94
CA THR A 65 -5.15 -7.42 -14.64
C THR A 65 -4.22 -6.20 -14.73
N HIS A 66 -3.20 -6.26 -15.57
CA HIS A 66 -2.33 -5.10 -15.80
C HIS A 66 -3.13 -3.85 -16.16
N ALA A 67 -4.13 -4.02 -17.03
CA ALA A 67 -4.86 -2.91 -17.64
C ALA A 67 -5.82 -2.23 -16.69
N LYS A 68 -6.53 -3.04 -15.90
CA LYS A 68 -7.45 -2.54 -14.90
C LYS A 68 -6.71 -1.69 -13.90
N ARG A 69 -5.55 -2.18 -13.47
CA ARG A 69 -4.69 -1.50 -12.50
C ARG A 69 -4.08 -0.19 -13.04
N ALA A 70 -3.43 -0.31 -14.19
CA ALA A 70 -2.80 0.86 -14.82
C ALA A 70 -3.85 1.98 -15.03
N TYR A 71 -4.98 1.61 -15.64
CA TYR A 71 -6.01 2.57 -15.96
C TYR A 71 -6.54 3.21 -14.69
N ARG A 72 -7.12 2.40 -13.80
CA ARG A 72 -7.64 2.79 -12.49
C ARG A 72 -6.76 3.76 -11.70
N GLU A 73 -5.46 3.47 -11.67
CA GLU A 73 -4.53 4.26 -10.89
C GLU A 73 -4.17 5.53 -11.60
N LEU A 74 -4.28 5.53 -12.93
CA LEU A 74 -4.16 6.80 -13.67
C LEU A 74 -5.27 7.75 -13.30
N VAL A 75 -6.52 7.29 -13.38
CA VAL A 75 -7.65 8.15 -13.09
C VAL A 75 -7.76 8.49 -11.61
N LEU A 76 -7.58 7.50 -10.72
CA LEU A 76 -7.61 7.73 -9.26
C LEU A 76 -6.54 8.71 -8.81
N MET A 77 -5.50 8.91 -9.60
N MET A 77 -5.53 8.93 -9.66
CA MET A 77 -4.50 9.91 -9.27
CA MET A 77 -4.43 9.85 -9.42
C MET A 77 -5.13 11.28 -9.23
C MET A 77 -4.79 11.30 -9.78
N LYS A 78 -6.04 11.52 -10.18
CA LYS A 78 -6.59 12.84 -10.43
C LYS A 78 -7.53 13.25 -9.33
N CYS A 79 -8.42 12.35 -8.89
CA CYS A 79 -9.40 12.70 -7.85
C CYS A 79 -8.88 12.53 -6.41
N VAL A 80 -7.56 12.68 -6.25
CA VAL A 80 -6.91 12.50 -4.96
C VAL A 80 -5.78 13.54 -4.79
N ASN A 81 -5.72 14.16 -3.62
CA ASN A 81 -4.75 15.22 -3.38
C ASN A 81 -4.42 15.34 -1.89
N HIS A 82 -3.35 14.67 -1.49
CA HIS A 82 -2.96 14.58 -0.09
C HIS A 82 -1.46 14.30 -0.08
N LYS A 83 -0.76 14.95 0.84
CA LYS A 83 0.70 14.78 0.98
C LYS A 83 1.13 13.35 1.34
N ASN A 84 0.23 12.53 1.87
CA ASN A 84 0.56 11.13 2.19
C ASN A 84 0.16 10.08 1.14
N ILE A 85 -0.31 10.59 -0.01
CA ILE A 85 -0.62 9.76 -1.17
C ILE A 85 0.20 10.24 -2.36
N ILE A 86 0.70 9.28 -3.15
CA ILE A 86 1.39 9.57 -4.39
C ILE A 86 0.67 10.63 -5.23
N SER A 87 1.45 11.50 -5.84
CA SER A 87 0.88 12.36 -6.88
C SER A 87 1.92 12.51 -7.96
N LEU A 88 1.45 12.54 -9.19
CA LEU A 88 2.34 12.55 -10.33
C LEU A 88 2.75 13.96 -10.68
N LEU A 89 3.96 14.10 -11.20
CA LEU A 89 4.48 15.35 -11.74
C LEU A 89 4.26 15.34 -13.25
N ASN A 90 4.38 14.15 -13.83
CA ASN A 90 4.27 13.98 -15.27
C ASN A 90 3.79 12.58 -15.67
N VAL A 91 3.05 12.52 -16.78
CA VAL A 91 2.66 11.25 -17.42
C VAL A 91 2.87 11.42 -18.92
N PHE A 92 3.64 10.49 -19.50
CA PHE A 92 3.89 10.56 -20.94
C PHE A 92 4.04 9.20 -21.64
N THR A 93 3.91 9.22 -22.96
CA THR A 93 4.21 8.09 -23.83
C THR A 93 5.09 8.64 -24.94
N PRO A 94 6.25 8.00 -25.20
CA PRO A 94 7.10 8.26 -26.38
C PRO A 94 6.51 7.88 -27.72
N GLN A 95 5.46 7.09 -27.72
CA GLN A 95 4.86 6.66 -28.97
C GLN A 95 3.92 7.74 -29.45
N LYS A 96 3.80 7.88 -30.77
N LYS A 96 3.86 7.91 -30.77
CA LYS A 96 3.20 9.05 -31.40
CA LYS A 96 3.19 9.05 -31.40
C LYS A 96 1.72 8.90 -31.76
C LYS A 96 1.69 8.87 -31.54
N THR A 97 1.25 7.66 -31.91
CA THR A 97 -0.16 7.39 -32.22
C THR A 97 -0.75 6.28 -31.33
N LEU A 98 -2.07 6.10 -31.40
CA LEU A 98 -2.72 5.01 -30.70
C LEU A 98 -2.20 3.68 -31.22
N GLU A 99 -2.09 3.61 -32.55
CA GLU A 99 -1.55 2.45 -33.24
C GLU A 99 -0.16 2.06 -32.73
N GLU A 100 0.70 3.04 -32.53
CA GLU A 100 2.08 2.77 -32.12
C GLU A 100 2.28 2.59 -30.62
N PHE A 101 1.28 3.01 -29.84
CA PHE A 101 1.29 3.01 -28.38
C PHE A 101 1.72 1.69 -27.74
N GLN A 102 2.64 1.79 -26.79
CA GLN A 102 3.21 0.62 -26.11
C GLN A 102 3.39 0.88 -24.62
N ASP A 103 3.99 2.02 -24.28
CA ASP A 103 4.41 2.26 -22.91
C ASP A 103 3.92 3.58 -22.35
N VAL A 104 3.67 3.54 -21.05
CA VAL A 104 3.33 4.72 -20.25
C VAL A 104 4.45 4.93 -19.26
N TYR A 105 4.94 6.15 -19.13
CA TYR A 105 5.89 6.50 -18.06
C TYR A 105 5.26 7.46 -17.07
N LEU A 106 5.48 7.16 -15.81
CA LEU A 106 4.96 7.93 -14.71
C LEU A 106 6.15 8.57 -13.99
N VAL A 107 5.97 9.85 -13.63
CA VAL A 107 6.98 10.64 -12.95
C VAL A 107 6.48 11.19 -11.61
N MET A 108 7.24 10.98 -10.54
CA MET A 108 6.96 11.63 -9.28
C MET A 108 8.22 12.17 -8.60
N GLU A 109 8.04 13.01 -7.57
CA GLU A 109 9.21 13.47 -6.81
C GLU A 109 9.91 12.26 -6.18
N LEU A 110 11.24 12.23 -6.21
CA LEU A 110 12.00 11.09 -5.66
C LEU A 110 12.00 11.08 -4.15
N MET A 111 11.91 9.88 -3.58
CA MET A 111 11.91 9.70 -2.15
C MET A 111 13.14 8.90 -1.78
N ASP A 112 13.36 8.67 -0.49
CA ASP A 112 14.64 8.16 -0.06
C ASP A 112 14.72 6.66 0.14
N ALA A 113 13.60 6.03 0.52
CA ALA A 113 13.59 4.61 0.87
C ALA A 113 12.19 4.05 0.83
N ASN A 114 12.06 2.75 0.59
CA ASN A 114 10.75 2.13 0.81
C ASN A 114 10.58 1.67 2.27
N LEU A 115 9.37 1.29 2.64
CA LEU A 115 9.07 1.04 4.04
C LEU A 115 9.66 -0.30 4.53
N CYS A 116 9.93 -1.20 3.60
CA CYS A 116 10.67 -2.44 3.87
C CYS A 116 12.02 -2.15 4.50
N GLN A 117 12.75 -1.21 3.91
CA GLN A 117 14.07 -0.86 4.41
C GLN A 117 13.99 -0.22 5.78
N VAL A 118 12.92 0.52 6.04
CA VAL A 118 12.76 1.26 7.27
C VAL A 118 12.41 0.31 8.41
N ILE A 119 11.62 -0.73 8.10
CA ILE A 119 11.21 -1.79 9.03
C ILE A 119 12.42 -2.55 9.58
N GLN A 120 13.46 -2.66 8.75
CA GLN A 120 14.72 -3.28 9.15
C GLN A 120 15.50 -2.48 10.18
N MET A 121 15.14 -1.20 10.37
CA MET A 121 15.90 -0.34 11.28
C MET A 121 15.28 -0.43 12.65
N GLU A 122 16.02 0.01 13.68
CA GLU A 122 15.45 0.32 14.98
C GLU A 122 14.98 1.76 15.02
N LEU A 123 13.73 1.97 15.38
CA LEU A 123 13.19 3.32 15.36
C LEU A 123 12.60 3.75 16.70
N ASP A 124 12.82 5.01 17.06
CA ASP A 124 12.30 5.53 18.30
C ASP A 124 10.76 5.62 18.18
N HIS A 125 10.06 5.89 19.27
CA HIS A 125 8.59 6.02 19.22
C HIS A 125 8.11 7.25 18.44
N GLU A 126 8.97 8.25 18.32
N GLU A 126 8.98 8.25 18.33
CA GLU A 126 8.63 9.49 17.62
CA GLU A 126 8.66 9.49 17.63
C GLU A 126 8.49 9.26 16.13
C GLU A 126 8.49 9.26 16.14
N ARG A 127 9.46 8.58 15.54
CA ARG A 127 9.48 8.33 14.11
C ARG A 127 8.47 7.23 13.80
N MET A 128 8.46 6.23 14.65
CA MET A 128 7.58 5.11 14.48
C MET A 128 6.12 5.58 14.51
N SER A 129 5.74 6.38 15.51
CA SER A 129 4.38 6.88 15.59
C SER A 129 4.04 7.93 14.53
N TYR A 130 5.05 8.69 14.07
CA TYR A 130 4.82 9.65 12.98
C TYR A 130 4.55 8.96 11.65
N LEU A 131 5.35 7.93 11.32
CA LEU A 131 5.08 7.07 10.18
C LEU A 131 3.62 6.53 10.23
N LEU A 132 3.26 5.93 11.37
CA LEU A 132 1.93 5.35 11.54
C LEU A 132 0.81 6.40 11.43
N TYR A 133 1.04 7.59 11.95
CA TYR A 133 0.07 8.69 11.84
C TYR A 133 -0.22 9.05 10.37
N GLN A 134 0.83 8.97 9.56
CA GLN A 134 0.80 9.42 8.18
C GLN A 134 0.12 8.37 7.34
N MET A 135 0.30 7.11 7.71
CA MET A 135 -0.33 6.01 7.03
C MET A 135 -1.82 6.16 7.22
N LEU A 136 -2.22 6.51 8.45
CA LEU A 136 -3.63 6.71 8.78
C LEU A 136 -4.24 7.90 8.06
N CYS A 137 -3.49 9.00 7.97
CA CYS A 137 -3.96 10.13 7.17
C CYS A 137 -4.17 9.75 5.70
N GLY A 138 -3.22 9.03 5.09
CA GLY A 138 -3.37 8.59 3.70
C GLY A 138 -4.62 7.73 3.52
N ILE A 139 -4.73 6.72 4.36
CA ILE A 139 -5.86 5.80 4.37
C ILE A 139 -7.21 6.52 4.60
N LYS A 140 -7.24 7.46 5.54
CA LYS A 140 -8.42 8.30 5.76
C LYS A 140 -8.80 9.09 4.49
N HIS A 141 -7.84 9.76 3.87
CA HIS A 141 -8.11 10.45 2.61
C HIS A 141 -8.66 9.53 1.53
N LEU A 142 -8.01 8.37 1.34
CA LEU A 142 -8.53 7.34 0.41
C LEU A 142 -9.97 6.97 0.72
N HIS A 143 -10.26 6.63 1.98
CA HIS A 143 -11.61 6.23 2.40
C HIS A 143 -12.63 7.30 2.12
N SER A 144 -12.22 8.55 2.36
CA SER A 144 -13.09 9.73 2.13
C SER A 144 -13.40 9.95 0.66
N ALA A 145 -12.56 9.37 -0.22
CA ALA A 145 -12.80 9.49 -1.65
C ALA A 145 -13.49 8.24 -2.18
N GLY A 146 -13.76 7.27 -1.29
CA GLY A 146 -14.47 6.06 -1.64
C GLY A 146 -13.52 4.93 -2.06
N ILE A 147 -12.26 5.02 -1.62
CA ILE A 147 -11.26 4.01 -1.97
C ILE A 147 -10.89 3.20 -0.74
N ILE A 148 -11.30 1.93 -0.70
CA ILE A 148 -10.85 1.02 0.34
C ILE A 148 -9.69 0.20 -0.25
N HIS A 149 -8.49 0.35 0.32
CA HIS A 149 -7.28 -0.13 -0.37
C HIS A 149 -7.28 -1.67 -0.47
N ARG A 150 -7.36 -2.32 0.69
CA ARG A 150 -7.43 -3.77 0.87
C ARG A 150 -6.10 -4.48 0.69
N ASP A 151 -5.09 -3.75 0.19
CA ASP A 151 -3.82 -4.38 -0.09
C ASP A 151 -2.56 -3.59 0.26
N LEU A 152 -2.59 -2.85 1.36
N LEU A 152 -2.58 -2.87 1.39
CA LEU A 152 -1.41 -2.13 1.81
CA LEU A 152 -1.43 -2.05 1.81
C LEU A 152 -0.25 -3.06 2.13
C LEU A 152 -0.21 -2.86 2.31
N LYS A 153 0.94 -2.72 1.64
CA LYS A 153 2.16 -3.42 2.03
C LYS A 153 3.36 -2.47 2.02
N PRO A 154 4.39 -2.77 2.82
CA PRO A 154 5.46 -1.80 3.00
C PRO A 154 6.20 -1.49 1.69
N SER A 155 6.14 -2.40 0.74
CA SER A 155 6.90 -2.25 -0.49
C SER A 155 6.33 -1.14 -1.36
N ASN A 156 5.03 -0.84 -1.14
CA ASN A 156 4.36 0.26 -1.85
C ASN A 156 4.17 1.53 -1.00
N ILE A 157 5.06 1.70 -0.04
CA ILE A 157 5.10 2.87 0.78
C ILE A 157 6.54 3.39 0.81
N VAL A 158 6.69 4.67 0.58
CA VAL A 158 8.01 5.29 0.54
C VAL A 158 8.17 6.42 1.59
N VAL A 159 9.41 6.65 2.00
CA VAL A 159 9.74 7.63 3.06
C VAL A 159 10.86 8.55 2.61
N LYS A 160 10.85 9.79 3.08
CA LYS A 160 12.01 10.67 2.94
C LYS A 160 12.83 10.60 4.23
N SER A 161 14.08 11.05 4.19
CA SER A 161 14.94 11.07 5.38
C SER A 161 14.30 11.77 6.57
N ASP A 162 13.51 12.80 6.29
CA ASP A 162 12.80 13.57 7.32
C ASP A 162 11.54 12.90 7.89
N CYS A 163 11.34 11.63 7.50
N CYS A 163 11.32 11.63 7.53
CA CYS A 163 10.24 10.77 7.99
CA CYS A 163 10.21 10.82 8.09
C CYS A 163 8.86 11.03 7.38
C CYS A 163 8.86 11.02 7.38
N THR A 164 8.81 11.90 6.38
CA THR A 164 7.58 12.10 5.62
C THR A 164 7.30 10.86 4.77
N LEU A 165 6.01 10.57 4.57
CA LEU A 165 5.61 9.28 4.03
C LEU A 165 4.56 9.40 2.91
N LYS A 166 4.66 8.55 1.89
CA LYS A 166 3.60 8.44 0.87
C LYS A 166 3.23 7.00 0.52
N ILE A 167 1.94 6.80 0.33
CA ILE A 167 1.41 5.54 -0.19
C ILE A 167 1.42 5.66 -1.71
N LEU A 168 1.88 4.61 -2.41
CA LEU A 168 2.06 4.63 -3.89
C LEU A 168 1.00 3.96 -4.76
N ASP A 169 0.13 3.14 -4.19
CA ASP A 169 -0.85 2.43 -5.01
C ASP A 169 -2.24 2.58 -4.42
N PHE A 170 -3.26 2.08 -5.11
CA PHE A 170 -4.63 2.28 -4.63
C PHE A 170 -5.36 1.00 -4.33
N GLY A 171 -4.65 -0.12 -4.31
CA GLY A 171 -5.19 -1.36 -3.80
C GLY A 171 -5.89 -2.18 -4.85
N LEU A 172 -6.89 -2.94 -4.41
CA LEU A 172 -7.64 -3.85 -5.28
C LEU A 172 -8.99 -3.23 -5.66
N ALA A 173 -9.66 -3.76 -6.68
CA ALA A 173 -10.92 -3.17 -7.14
C ALA A 173 -12.17 -3.98 -6.74
N ARG A 174 -12.88 -4.50 -7.76
CA ARG A 174 -14.03 -5.41 -7.64
C ARG A 174 -13.67 -6.70 -6.88
N THR A 178 -9.13 -12.82 -9.23
CA THR A 178 -9.80 -12.08 -10.31
C THR A 178 -9.56 -12.65 -11.72
N SER A 179 -8.34 -12.78 -12.29
CA SER A 179 -6.97 -12.27 -11.91
C SER A 179 -5.88 -13.35 -12.00
N PHE A 180 -5.39 -13.59 -13.21
CA PHE A 180 -4.30 -14.51 -13.46
C PHE A 180 -3.21 -13.75 -14.20
N MET A 181 -1.95 -14.11 -13.94
CA MET A 181 -0.82 -13.49 -14.61
C MET A 181 0.28 -14.51 -14.85
N MET A 182 0.78 -14.53 -16.09
CA MET A 182 1.77 -15.50 -16.55
C MET A 182 3.19 -15.14 -16.15
N THR A 183 3.33 -14.25 -15.17
CA THR A 183 4.65 -13.79 -14.75
C THR A 183 5.24 -14.71 -13.67
N PRO A 184 6.57 -14.64 -13.43
CA PRO A 184 7.18 -15.41 -12.32
C PRO A 184 7.22 -14.67 -10.96
N TYR A 185 6.78 -13.41 -10.94
CA TYR A 185 6.70 -12.61 -9.71
C TYR A 185 5.50 -13.02 -8.83
N VAL A 186 5.69 -12.93 -7.52
CA VAL A 186 4.67 -13.34 -6.55
C VAL A 186 3.93 -12.13 -5.93
N VAL A 187 2.63 -12.29 -5.68
CA VAL A 187 1.87 -11.29 -4.92
C VAL A 187 2.11 -11.53 -3.42
N THR A 188 2.47 -10.48 -2.71
CA THR A 188 2.65 -10.52 -1.25
C THR A 188 1.28 -10.38 -0.59
N ARG A 189 0.92 -11.40 0.20
CA ARG A 189 -0.39 -11.52 0.80
C ARG A 189 -0.45 -11.23 2.31
N TYR A 190 0.72 -11.08 2.95
CA TYR A 190 0.84 -11.13 4.41
C TYR A 190 0.11 -10.02 5.20
N TYR A 191 -0.24 -8.92 4.51
CA TYR A 191 -0.84 -7.73 5.15
C TYR A 191 -2.37 -7.65 4.93
N ARG A 192 -2.92 -8.64 4.23
CA ARG A 192 -4.34 -8.71 3.94
C ARG A 192 -5.14 -9.10 5.16
N ALA A 193 -6.29 -8.46 5.33
CA ALA A 193 -7.17 -8.68 6.46
C ALA A 193 -7.77 -10.08 6.37
N PRO A 194 -8.17 -10.66 7.53
CA PRO A 194 -8.86 -11.95 7.52
C PRO A 194 -10.02 -11.96 6.51
N GLU A 195 -10.70 -10.83 6.39
CA GLU A 195 -11.89 -10.76 5.56
C GLU A 195 -11.54 -10.80 4.06
N VAL A 196 -10.35 -10.34 3.72
CA VAL A 196 -9.84 -10.55 2.38
C VAL A 196 -9.41 -12.01 2.20
N ILE A 197 -8.64 -12.53 3.17
CA ILE A 197 -8.18 -13.92 3.13
C ILE A 197 -9.35 -14.89 2.97
N LEU A 198 -10.40 -14.64 3.75
CA LEU A 198 -11.52 -15.56 3.87
C LEU A 198 -12.72 -15.15 2.99
N GLY A 199 -12.46 -14.29 2.02
CA GLY A 199 -13.46 -13.85 1.04
C GLY A 199 -14.74 -13.24 1.61
N MET A 200 -14.61 -12.43 2.65
CA MET A 200 -15.79 -11.80 3.30
C MET A 200 -16.09 -10.46 2.66
N GLY A 201 -17.23 -9.88 3.06
CA GLY A 201 -17.47 -8.47 2.80
C GLY A 201 -16.53 -7.69 3.68
N TYR A 202 -16.26 -6.44 3.34
CA TYR A 202 -15.33 -5.64 4.10
C TYR A 202 -15.90 -4.24 4.29
N LYS A 203 -15.24 -3.46 5.14
CA LYS A 203 -15.51 -2.02 5.28
C LYS A 203 -14.16 -1.28 5.42
N GLU A 204 -14.22 0.02 5.72
CA GLU A 204 -13.00 0.87 5.85
C GLU A 204 -11.88 0.27 6.69
N ASN A 205 -12.22 -0.36 7.82
CA ASN A 205 -11.20 -0.83 8.77
C ASN A 205 -10.49 -2.13 8.38
N VAL A 206 -10.82 -2.64 7.20
CA VAL A 206 -10.01 -3.66 6.50
C VAL A 206 -8.55 -3.21 6.41
N ASP A 207 -8.35 -1.90 6.15
CA ASP A 207 -7.04 -1.26 6.01
C ASP A 207 -6.35 -1.06 7.36
N ILE A 208 -7.13 -0.92 8.43
CA ILE A 208 -6.54 -0.93 9.77
C ILE A 208 -5.73 -2.21 10.03
N TRP A 209 -6.26 -3.38 9.64
CA TRP A 209 -5.52 -4.64 9.77
C TRP A 209 -4.14 -4.55 9.17
N SER A 210 -4.05 -4.07 7.93
CA SER A 210 -2.77 -3.98 7.22
C SER A 210 -1.78 -3.12 7.98
N VAL A 211 -2.28 -2.02 8.53
CA VAL A 211 -1.47 -1.12 9.37
C VAL A 211 -0.89 -1.79 10.62
N GLY A 212 -1.68 -2.68 11.27
CA GLY A 212 -1.20 -3.38 12.46
C GLY A 212 -0.10 -4.37 12.08
N CYS A 213 -0.23 -4.97 10.91
CA CYS A 213 0.75 -5.91 10.39
C CYS A 213 2.07 -5.16 10.23
N ILE A 214 1.98 -3.94 9.72
CA ILE A 214 3.15 -3.15 9.45
C ILE A 214 3.77 -2.67 10.79
N MET A 215 2.96 -2.03 11.62
CA MET A 215 3.38 -1.68 12.97
C MET A 215 4.09 -2.82 13.71
N GLY A 216 3.51 -4.01 13.62
CA GLY A 216 4.01 -5.19 14.28
C GLY A 216 5.33 -5.65 13.71
N GLU A 217 5.46 -5.61 12.39
CA GLU A 217 6.74 -5.92 11.76
C GLU A 217 7.83 -4.88 12.13
N MET A 218 7.43 -3.64 12.41
CA MET A 218 8.38 -2.60 12.80
C MET A 218 8.98 -2.92 14.16
N VAL A 219 8.16 -3.46 15.05
CA VAL A 219 8.61 -3.88 16.36
C VAL A 219 9.41 -5.21 16.27
N ARG A 220 8.87 -6.17 15.52
CA ARG A 220 9.38 -7.52 15.55
C ARG A 220 10.54 -7.68 14.59
N HIS A 221 10.54 -6.86 13.53
CA HIS A 221 11.52 -6.95 12.42
C HIS A 221 11.40 -8.31 11.73
N LYS A 222 10.16 -8.78 11.66
CA LYS A 222 9.85 -10.10 11.14
C LYS A 222 8.38 -10.06 10.71
N ILE A 223 8.13 -10.50 9.48
CA ILE A 223 6.76 -10.55 8.96
C ILE A 223 5.88 -11.31 9.96
N LEU A 224 4.78 -10.69 10.34
CA LEU A 224 3.85 -11.25 11.31
C LEU A 224 3.15 -12.54 10.85
N PHE A 225 2.50 -12.49 9.68
CA PHE A 225 1.68 -13.62 9.23
C PHE A 225 2.15 -14.21 7.88
N PRO A 226 3.32 -14.91 7.84
CA PRO A 226 3.81 -15.47 6.58
C PRO A 226 3.10 -16.76 6.10
N GLY A 227 3.21 -17.06 4.82
CA GLY A 227 2.77 -18.35 4.32
C GLY A 227 2.87 -18.49 2.82
N ARG A 228 3.08 -19.72 2.35
CA ARG A 228 2.99 -20.05 0.92
C ARG A 228 1.73 -19.46 0.28
N ASP A 229 0.58 -19.67 0.93
CA ASP A 229 -0.67 -19.05 0.48
C ASP A 229 -1.55 -18.91 1.70
N TYR A 230 -2.83 -18.61 1.48
CA TYR A 230 -3.75 -18.26 2.56
C TYR A 230 -3.92 -19.36 3.59
N ILE A 231 -3.66 -20.62 3.23
CA ILE A 231 -3.76 -21.72 4.18
C ILE A 231 -2.74 -21.57 5.31
N ASP A 232 -1.48 -21.38 4.94
CA ASP A 232 -0.38 -21.22 5.91
C ASP A 232 -0.56 -19.93 6.66
N GLN A 233 -0.99 -18.91 5.92
CA GLN A 233 -1.17 -17.59 6.45
C GLN A 233 -2.22 -17.55 7.53
N TRP A 234 -3.39 -18.13 7.24
CA TRP A 234 -4.46 -18.22 8.24
C TRP A 234 -3.99 -18.99 9.49
N ASN A 235 -3.18 -20.03 9.29
CA ASN A 235 -2.62 -20.77 10.44
C ASN A 235 -1.79 -19.83 11.30
N LYS A 236 -0.87 -19.10 10.66
CA LYS A 236 -0.08 -18.10 11.35
C LYS A 236 -0.91 -17.11 12.14
N VAL A 237 -2.11 -16.81 11.66
CA VAL A 237 -2.97 -15.78 12.29
C VAL A 237 -3.64 -16.31 13.55
N ILE A 238 -4.33 -17.45 13.46
CA ILE A 238 -5.00 -18.05 14.62
C ILE A 238 -4.03 -18.56 15.70
N GLU A 239 -2.82 -18.95 15.32
CA GLU A 239 -1.92 -19.47 16.32
C GLU A 239 -1.26 -18.39 17.18
N GLN A 240 -1.42 -17.14 16.78
CA GLN A 240 -0.87 -16.01 17.53
C GLN A 240 -1.99 -15.23 18.18
N LEU A 241 -3.09 -15.07 17.44
CA LEU A 241 -4.23 -14.29 17.91
C LEU A 241 -5.31 -15.20 18.49
N GLY A 242 -5.23 -16.49 18.16
CA GLY A 242 -6.20 -17.47 18.65
C GLY A 242 -7.43 -17.54 17.77
N THR A 243 -8.11 -18.69 17.84
CA THR A 243 -9.32 -18.89 17.06
C THR A 243 -10.26 -17.72 17.35
N PRO A 244 -10.90 -17.15 16.31
CA PRO A 244 -11.93 -16.15 16.58
C PRO A 244 -13.14 -16.77 17.26
N CYS A 245 -13.98 -15.94 17.83
CA CYS A 245 -15.11 -16.42 18.61
C CYS A 245 -16.37 -16.63 17.71
N PRO A 246 -17.31 -17.48 18.18
CA PRO A 246 -18.60 -17.81 17.54
C PRO A 246 -19.23 -16.76 16.61
N GLU A 247 -19.33 -15.51 17.06
CA GLU A 247 -20.04 -14.49 16.26
C GLU A 247 -19.27 -14.02 15.03
N PHE A 248 -17.95 -14.25 15.03
CA PHE A 248 -17.16 -14.05 13.83
C PHE A 248 -17.50 -15.09 12.74
N MET A 249 -17.51 -16.37 13.11
CA MET A 249 -17.86 -17.48 12.20
C MET A 249 -19.21 -17.30 11.52
N LYS A 250 -20.17 -16.78 12.28
CA LYS A 250 -21.54 -16.55 11.83
C LYS A 250 -21.67 -15.61 10.61
N LYS A 251 -20.60 -14.86 10.31
CA LYS A 251 -20.62 -13.95 9.15
C LYS A 251 -19.80 -14.52 7.97
N LEU A 252 -19.39 -15.78 8.10
CA LEU A 252 -18.66 -16.48 7.05
C LEU A 252 -19.63 -17.30 6.19
N GLN A 253 -19.36 -17.33 4.87
CA GLN A 253 -20.02 -18.25 3.94
C GLN A 253 -20.03 -19.66 4.51
N PRO A 254 -21.06 -20.47 4.19
CA PRO A 254 -21.18 -21.76 4.88
C PRO A 254 -20.00 -22.69 4.56
N THR A 255 -19.44 -22.53 3.37
CA THR A 255 -18.29 -23.31 2.93
C THR A 255 -16.97 -22.88 3.61
N VAL A 256 -16.74 -21.56 3.70
CA VAL A 256 -15.59 -21.02 4.41
C VAL A 256 -15.67 -21.31 5.92
N ARG A 257 -16.85 -21.06 6.49
CA ARG A 257 -17.18 -21.31 7.89
C ARG A 257 -16.87 -22.75 8.32
N ASN A 258 -17.08 -23.70 7.41
CA ASN A 258 -16.81 -25.12 7.70
C ASN A 258 -15.33 -25.37 7.90
N TYR A 259 -14.54 -24.87 6.96
CA TYR A 259 -13.10 -25.03 6.96
C TYR A 259 -12.46 -24.34 8.15
N VAL A 260 -12.97 -23.16 8.50
CA VAL A 260 -12.38 -22.37 9.59
C VAL A 260 -12.67 -22.98 10.97
N GLU A 261 -13.86 -23.59 11.12
CA GLU A 261 -14.22 -24.23 12.38
C GLU A 261 -13.54 -25.59 12.55
N ASN A 262 -12.99 -26.11 11.45
CA ASN A 262 -12.35 -27.43 11.46
C ASN A 262 -10.82 -27.41 11.54
N ARG A 263 -10.22 -26.22 11.51
CA ARG A 263 -8.78 -26.07 11.78
C ARG A 263 -8.48 -26.40 13.24
N PRO A 264 -7.25 -26.88 13.53
CA PRO A 264 -6.82 -26.92 14.93
C PRO A 264 -7.08 -25.58 15.67
N LYS A 265 -7.77 -25.69 16.80
CA LYS A 265 -8.23 -24.57 17.63
C LYS A 265 -7.13 -23.99 18.56
N TYR A 266 -7.10 -22.66 18.70
CA TYR A 266 -6.09 -21.97 19.54
C TYR A 266 -6.65 -20.97 20.56
N ALA A 267 -6.07 -20.97 21.75
CA ALA A 267 -6.34 -19.94 22.75
C ALA A 267 -5.88 -18.56 22.23
N GLY A 268 -4.65 -18.52 21.70
CA GLY A 268 -4.02 -17.29 21.27
C GLY A 268 -3.18 -16.62 22.35
N LEU A 269 -2.00 -16.15 21.95
CA LEU A 269 -1.10 -15.45 22.85
C LEU A 269 -1.60 -14.03 23.17
N THR A 270 -1.22 -13.54 24.36
CA THR A 270 -1.54 -12.17 24.74
C THR A 270 -0.57 -11.25 24.01
N PHE A 271 -0.96 -9.97 23.92
CA PHE A 271 -0.13 -8.96 23.30
C PHE A 271 1.22 -8.64 23.98
N PRO A 272 1.29 -8.69 25.33
CA PRO A 272 2.62 -8.66 25.95
C PRO A 272 3.50 -9.83 25.49
N LYS A 273 2.91 -10.99 25.24
CA LYS A 273 3.66 -12.17 24.76
C LYS A 273 4.08 -12.03 23.30
N LEU A 274 3.12 -11.66 22.44
CA LEU A 274 3.36 -11.37 21.04
C LEU A 274 4.44 -10.31 20.85
N PHE A 275 4.47 -9.33 21.74
CA PHE A 275 5.36 -8.17 21.64
C PHE A 275 5.88 -7.77 23.02
N PRO A 276 6.89 -8.50 23.54
CA PRO A 276 7.46 -8.25 24.86
C PRO A 276 8.15 -6.89 25.03
N ASP A 277 8.31 -6.46 26.28
CA ASP A 277 8.96 -5.19 26.60
C ASP A 277 10.33 -5.07 25.89
N SER A 278 11.04 -6.20 25.82
CA SER A 278 12.35 -6.28 25.17
C SER A 278 12.40 -5.74 23.74
N LEU A 279 11.29 -5.80 22.99
CA LEU A 279 11.30 -5.27 21.61
C LEU A 279 11.20 -3.75 21.53
N PHE A 280 11.00 -3.12 22.69
CA PHE A 280 10.68 -1.70 22.71
C PHE A 280 11.74 -0.85 23.39
N PRO A 281 11.97 0.39 22.89
CA PRO A 281 12.67 1.35 23.72
C PRO A 281 11.86 1.47 24.98
N ALA A 282 12.51 1.23 26.11
CA ALA A 282 11.87 1.26 27.41
C ALA A 282 12.92 1.51 28.50
N ASP A 283 13.74 2.56 28.28
CA ASP A 283 14.89 2.95 29.12
C ASP A 283 14.61 4.20 29.96
N SER A 284 13.66 5.02 29.51
CA SER A 284 13.12 6.11 30.31
C SER A 284 11.62 5.86 30.58
N GLU A 285 11.07 6.63 31.53
CA GLU A 285 9.64 6.60 31.78
C GLU A 285 8.85 6.93 30.51
N HIS A 286 9.31 7.93 29.77
CA HIS A 286 8.69 8.29 28.51
C HIS A 286 8.55 7.07 27.63
N ASN A 287 9.63 6.35 27.41
CA ASN A 287 9.56 5.20 26.52
C ASN A 287 8.76 4.04 27.13
N LYS A 288 8.81 3.90 28.45
CA LYS A 288 7.98 2.88 29.09
C LYS A 288 6.51 3.14 28.84
N LEU A 289 6.11 4.41 28.85
CA LEU A 289 4.73 4.78 28.63
C LEU A 289 4.35 4.58 27.17
N LYS A 290 5.28 4.91 26.27
CA LYS A 290 5.03 4.77 24.85
C LYS A 290 4.97 3.29 24.44
N ALA A 291 5.78 2.45 25.08
CA ALA A 291 5.71 1.00 24.86
C ALA A 291 4.29 0.49 25.13
N SER A 292 3.74 0.82 26.30
CA SER A 292 2.38 0.41 26.68
C SER A 292 1.32 0.88 25.72
N GLN A 293 1.53 2.10 25.22
CA GLN A 293 0.63 2.75 24.30
C GLN A 293 0.71 2.12 22.93
N ALA A 294 1.92 1.84 22.47
CA ALA A 294 2.12 1.13 21.21
C ALA A 294 1.44 -0.25 21.24
N ARG A 295 1.68 -0.99 22.31
CA ARG A 295 1.13 -2.35 22.44
C ARG A 295 -0.41 -2.35 22.48
N ASP A 296 -0.97 -1.38 23.21
CA ASP A 296 -2.41 -1.19 23.28
C ASP A 296 -3.04 -0.93 21.90
N LEU A 297 -2.42 -0.05 21.12
CA LEU A 297 -2.87 0.21 19.76
C LEU A 297 -2.78 -1.03 18.86
N LEU A 298 -1.65 -1.76 18.93
CA LEU A 298 -1.46 -3.02 18.17
C LEU A 298 -2.56 -4.02 18.53
N SER A 299 -2.92 -4.05 19.82
CA SER A 299 -3.90 -5.01 20.30
C SER A 299 -5.31 -4.70 19.80
N LYS A 300 -5.48 -3.50 19.26
CA LYS A 300 -6.79 -3.01 18.82
C LYS A 300 -6.89 -3.03 17.32
N MET A 301 -5.74 -3.13 16.68
CA MET A 301 -5.64 -3.15 15.22
C MET A 301 -5.60 -4.60 14.71
N LEU A 302 -4.81 -5.41 15.42
CA LEU A 302 -4.59 -6.79 15.08
C LEU A 302 -5.71 -7.60 15.73
N VAL A 303 -6.93 -7.35 15.25
CA VAL A 303 -8.14 -7.95 15.77
C VAL A 303 -8.79 -8.64 14.59
N ILE A 304 -9.07 -9.93 14.72
CA ILE A 304 -9.56 -10.74 13.59
C ILE A 304 -10.94 -10.30 13.13
N ASP A 305 -11.83 -10.06 14.10
CA ASP A 305 -13.21 -9.69 13.83
C ASP A 305 -13.28 -8.19 13.55
N PRO A 306 -13.67 -7.79 12.32
CA PRO A 306 -13.71 -6.35 12.00
C PRO A 306 -14.78 -5.58 12.79
N ALA A 307 -15.73 -6.29 13.40
CA ALA A 307 -16.74 -5.62 14.21
C ALA A 307 -16.11 -5.09 15.49
N LYS A 308 -14.99 -5.68 15.90
CA LYS A 308 -14.26 -5.26 17.12
C LYS A 308 -12.92 -4.56 16.85
N ARG A 309 -12.45 -4.61 15.61
CA ARG A 309 -11.26 -3.91 15.21
C ARG A 309 -11.49 -2.40 15.28
N ILE A 310 -10.42 -1.66 15.63
CA ILE A 310 -10.46 -0.21 15.74
C ILE A 310 -10.63 0.45 14.36
N SER A 311 -11.39 1.53 14.32
CA SER A 311 -11.58 2.33 13.12
C SER A 311 -10.39 3.24 12.90
N VAL A 312 -10.29 3.77 11.68
CA VAL A 312 -9.27 4.75 11.29
C VAL A 312 -9.35 6.02 12.17
N ASP A 313 -10.57 6.47 12.44
CA ASP A 313 -10.83 7.66 13.24
C ASP A 313 -10.49 7.49 14.73
N ASP A 314 -10.75 6.30 15.24
CA ASP A 314 -10.32 5.94 16.59
C ASP A 314 -8.80 5.73 16.71
N ALA A 315 -8.18 5.10 15.71
CA ALA A 315 -6.72 4.96 15.69
C ALA A 315 -5.99 6.30 15.64
N LEU A 316 -6.59 7.27 14.94
CA LEU A 316 -6.03 8.62 14.84
C LEU A 316 -6.07 9.36 16.16
N GLN A 317 -7.03 8.97 17.00
CA GLN A 317 -7.21 9.58 18.32
C GLN A 317 -6.52 8.77 19.42
N HIS A 318 -5.94 7.61 19.07
CA HIS A 318 -5.13 6.82 20.00
C HIS A 318 -4.00 7.70 20.57
N PRO A 319 -3.72 7.56 21.88
CA PRO A 319 -2.64 8.27 22.54
C PRO A 319 -1.32 8.14 21.84
N TYR A 320 -1.00 6.96 21.32
CA TYR A 320 0.26 6.74 20.62
C TYR A 320 0.36 7.62 19.35
N ILE A 321 -0.79 7.87 18.74
CA ILE A 321 -0.89 8.56 17.45
C ILE A 321 -1.23 10.05 17.57
N ASN A 322 -2.12 10.40 18.50
CA ASN A 322 -2.72 11.76 18.50
C ASN A 322 -1.78 12.94 18.78
N VAL A 323 -0.52 12.67 19.15
CA VAL A 323 0.40 13.77 19.45
C VAL A 323 0.76 14.49 18.16
N TRP A 324 0.39 13.91 17.03
CA TRP A 324 0.70 14.47 15.72
C TRP A 324 -0.53 15.11 15.09
N TYR A 325 -1.69 14.91 15.75
CA TYR A 325 -2.98 15.15 15.12
C TYR A 325 -3.13 16.54 14.57
N ASP A 326 -3.46 16.58 13.29
CA ASP A 326 -3.71 17.84 12.60
C ASP A 326 -4.96 17.78 11.72
N PRO A 327 -5.98 18.61 12.07
CA PRO A 327 -7.18 18.83 11.27
C PRO A 327 -6.88 19.06 9.79
N ALA A 328 -5.83 19.83 9.50
CA ALA A 328 -5.38 20.03 8.12
C ALA A 328 -5.10 18.67 7.45
N GLU A 329 -4.39 17.80 8.15
CA GLU A 329 -3.92 16.54 7.59
C GLU A 329 -4.95 15.41 7.68
N VAL A 330 -5.90 15.52 8.60
CA VAL A 330 -6.86 14.45 8.88
C VAL A 330 -8.21 14.69 8.18
N GLU A 331 -8.76 15.88 8.39
CA GLU A 331 -10.01 16.28 7.76
C GLU A 331 -9.74 17.04 6.45
N ALA A 332 -8.80 16.54 5.66
CA ALA A 332 -8.47 17.06 4.32
C ALA A 332 -9.59 16.80 3.28
N PRO A 333 -9.77 17.73 2.30
CA PRO A 333 -10.91 17.63 1.37
C PRO A 333 -10.92 16.34 0.56
N PRO A 334 -12.10 15.70 0.42
CA PRO A 334 -12.33 14.46 -0.32
C PRO A 334 -12.89 14.69 -1.74
N PRO A 335 -12.00 14.88 -2.74
CA PRO A 335 -12.44 15.14 -4.11
C PRO A 335 -12.53 13.80 -4.89
N GLN A 336 -12.85 13.79 -6.19
CA GLN A 336 -13.29 14.92 -7.00
C GLN A 336 -14.37 14.42 -7.96
N ASP A 339 -14.60 9.26 -12.60
CA ASP A 339 -15.15 8.19 -13.44
C ASP A 339 -16.52 7.73 -12.93
N LYS A 340 -16.52 6.79 -11.97
CA LYS A 340 -17.74 6.20 -11.38
C LYS A 340 -17.75 4.67 -11.51
N GLN A 341 -18.17 4.20 -12.69
CA GLN A 341 -18.20 2.76 -13.04
C GLN A 341 -16.80 2.15 -13.18
N LEU A 342 -15.78 2.97 -12.94
CA LEU A 342 -14.45 2.49 -12.62
C LEU A 342 -14.58 1.38 -11.55
N ASP A 343 -13.73 0.35 -11.65
CA ASP A 343 -13.70 -0.81 -10.74
C ASP A 343 -14.57 -1.96 -11.20
N GLU A 344 -15.68 -1.66 -11.87
CA GLU A 344 -16.59 -2.70 -12.36
C GLU A 344 -16.58 -2.88 -13.89
N ARG A 345 -15.67 -2.21 -14.59
CA ARG A 345 -15.65 -2.27 -16.07
C ARG A 345 -14.82 -3.44 -16.64
N GLU A 346 -15.28 -3.99 -17.77
CA GLU A 346 -14.70 -5.19 -18.38
C GLU A 346 -14.51 -5.07 -19.91
N HIS A 347 -13.24 -5.06 -20.34
CA HIS A 347 -12.88 -4.73 -21.73
C HIS A 347 -11.89 -5.70 -22.36
N THR A 348 -11.61 -5.49 -23.64
CA THR A 348 -10.61 -6.28 -24.36
C THR A 348 -9.31 -5.50 -24.43
N ILE A 349 -8.27 -6.14 -24.96
CA ILE A 349 -6.95 -5.51 -25.11
C ILE A 349 -7.05 -4.18 -25.88
N GLU A 350 -7.56 -4.28 -27.11
N GLU A 350 -7.59 -4.25 -27.09
CA GLU A 350 -7.85 -3.14 -28.00
CA GLU A 350 -7.73 -3.06 -27.94
C GLU A 350 -8.54 -2.00 -27.23
C GLU A 350 -8.57 -1.96 -27.27
N GLU A 351 -9.56 -2.36 -26.47
CA GLU A 351 -10.38 -1.41 -25.72
C GLU A 351 -9.64 -0.74 -24.54
N TRP A 352 -8.93 -1.55 -23.73
CA TRP A 352 -8.11 -1.03 -22.63
C TRP A 352 -6.93 -0.19 -23.17
N LYS A 353 -6.42 -0.54 -24.35
CA LYS A 353 -5.32 0.22 -24.93
C LYS A 353 -5.73 1.65 -25.19
N GLU A 354 -6.91 1.82 -25.78
CA GLU A 354 -7.44 3.15 -26.08
C GLU A 354 -7.86 3.90 -24.82
N LEU A 355 -8.48 3.20 -23.87
CA LEU A 355 -8.87 3.84 -22.63
C LEU A 355 -7.62 4.42 -21.99
N ILE A 356 -6.54 3.62 -21.97
CA ILE A 356 -5.28 4.06 -21.38
C ILE A 356 -4.65 5.19 -22.20
N TYR A 357 -4.60 5.03 -23.51
CA TYR A 357 -4.01 6.06 -24.35
C TYR A 357 -4.72 7.42 -24.12
N LYS A 358 -6.05 7.40 -24.18
CA LYS A 358 -6.82 8.59 -23.87
C LYS A 358 -6.44 9.28 -22.54
N GLU A 359 -6.15 8.50 -21.51
CA GLU A 359 -5.87 9.04 -20.20
C GLU A 359 -4.45 9.64 -20.13
N VAL A 360 -3.51 9.00 -20.85
CA VAL A 360 -2.13 9.45 -20.96
C VAL A 360 -2.07 10.76 -21.73
N MET A 361 -2.92 10.92 -22.74
CA MET A 361 -2.93 12.12 -23.62
C MET A 361 -3.94 13.18 -23.19
N ASN A 362 -4.84 12.82 -22.27
CA ASN A 362 -5.95 13.69 -21.80
C ASN A 362 -7.02 13.99 -22.84
CL SNB B . 9.55 8.03 -5.16
C16 SNB B . 9.65 6.26 -5.40
C2 SNB B . 10.73 5.56 -4.90
O SNB B . 11.71 6.24 -4.22
C1 SNB B . 12.63 5.49 -3.41
C15 SNB B . 8.63 5.61 -6.08
C14 SNB B . 8.70 4.23 -6.27
C4 SNB B . 9.79 3.52 -5.78
C3 SNB B . 10.81 4.17 -5.09
C7 SNB B . 7.64 3.49 -7.00
N SNB B . 7.63 2.22 -6.86
C6 SNB B . 8.46 1.40 -5.98
C5 SNB B . 9.86 2.02 -5.98
C8 SNB B . 6.65 4.20 -7.90
C13 SNB B . 7.09 5.18 -8.75
C12 SNB B . 6.20 5.84 -9.59
BR SNB B . 6.84 7.17 -10.77
C11 SNB B . 4.84 5.52 -9.56
C10 SNB B . 4.37 4.54 -8.69
C9 SNB B . 5.30 3.88 -7.88
#